data_3F9R
#
_entry.id   3F9R
#
_cell.length_a   105.927
_cell.length_b   46.994
_cell.length_c   94.494
_cell.angle_alpha   90.000
_cell.angle_beta   90.000
_cell.angle_gamma   90.000
#
_symmetry.space_group_name_H-M   'P 21 21 2'
#
loop_
_entity.id
_entity.type
_entity.pdbx_description
1 polymer Phosphomannomutase
2 non-polymer 'SULFATE ION'
3 non-polymer 'MAGNESIUM ION'
4 water water
#
_entity_poly.entity_id   1
_entity_poly.type   'polypeptide(L)'
_entity_poly.pdbx_seq_one_letter_code
;GMKRVLLLFDVDGTLTPPRLCQTDEMRALIKRARGAGFCVGTVGGSDFAKQVEQLGRDVLTQFDYVFAENGLLAYRNGLE
IHRQSLLNALGNDRIVKFVKKTLRLIADLDIPVQRGTFVEYRNGMINVSPIGRNCSQAERDEFEVYDNEHRVRASLIAEL
ENSFPDFGLKYSIGGQISFDVFPVGWDKTYCLQFVEDDFEEIHFFGDKTQEGGNDYEIYTDKRTIGHKVTSYKDTIAEVE
KIIAMK
;
_entity_poly.pdbx_strand_id   A,B
#
# COMPACT_ATOMS: atom_id res chain seq x y z
N GLY A 1 -11.12 11.47 9.84
CA GLY A 1 -9.70 11.14 9.46
C GLY A 1 -9.19 9.80 9.95
N MET A 2 -7.88 9.59 9.85
CA MET A 2 -7.25 8.37 10.33
C MET A 2 -7.38 8.35 11.85
N LYS A 3 -7.67 7.17 12.41
CA LYS A 3 -7.89 7.03 13.86
C LYS A 3 -6.63 7.00 14.72
N ARG A 4 -5.46 6.81 14.09
CA ARG A 4 -4.22 6.51 14.84
C ARG A 4 -4.38 5.23 15.69
N VAL A 5 -5.08 4.25 15.10
CA VAL A 5 -5.34 3.00 15.77
C VAL A 5 -4.94 1.88 14.83
N LEU A 6 -4.01 1.05 15.28
CA LEU A 6 -3.61 -0.12 14.53
C LEU A 6 -4.31 -1.39 15.02
N LEU A 7 -4.82 -2.18 14.08
CA LEU A 7 -5.38 -3.49 14.41
C LEU A 7 -4.39 -4.54 13.85
N LEU A 8 -3.78 -5.31 14.75
CA LEU A 8 -2.69 -6.20 14.39
C LEU A 8 -3.20 -7.62 14.55
N PHE A 9 -3.12 -8.41 13.49
CA PHE A 9 -3.73 -9.75 13.47
C PHE A 9 -2.72 -10.86 13.21
N ASP A 10 -2.87 -11.93 13.99
CA ASP A 10 -2.40 -13.24 13.59
C ASP A 10 -3.05 -13.68 12.28
N VAL A 11 -2.44 -14.62 11.57
CA VAL A 11 -2.99 -15.07 10.29
C VAL A 11 -3.86 -16.33 10.42
N ASP A 12 -3.25 -17.51 10.44
CA ASP A 12 -4.04 -18.76 10.48
C ASP A 12 -4.88 -18.82 11.73
N GLY A 13 -6.17 -19.12 11.60
CA GLY A 13 -7.07 -19.18 12.75
C GLY A 13 -7.62 -17.84 13.26
N THR A 14 -6.99 -16.74 12.90
CA THR A 14 -7.40 -15.39 13.32
C THR A 14 -7.99 -14.65 12.11
N LEU A 15 -7.31 -14.72 10.97
CA LEU A 15 -7.81 -14.08 9.75
C LEU A 15 -8.38 -15.12 8.80
N THR A 16 -8.16 -16.39 9.10
CA THR A 16 -8.50 -17.46 8.20
C THR A 16 -9.19 -18.61 8.97
N PRO A 17 -9.98 -19.43 8.27
CA PRO A 17 -10.38 -20.73 8.84
C PRO A 17 -9.13 -21.59 9.02
N PRO A 18 -9.16 -22.60 9.92
CA PRO A 18 -7.89 -23.30 10.20
C PRO A 18 -7.26 -23.91 8.94
N ARG A 19 -5.99 -23.57 8.71
CA ARG A 19 -5.22 -24.00 7.51
C ARG A 19 -5.93 -23.83 6.15
N LEU A 20 -6.60 -22.68 5.97
CA LEU A 20 -7.34 -22.33 4.74
C LEU A 20 -7.07 -20.88 4.39
N CYS A 21 -7.30 -20.52 3.13
CA CYS A 21 -7.31 -19.13 2.64
C CYS A 21 -8.30 -18.20 3.41
N GLN A 22 -7.96 -16.92 3.53
CA GLN A 22 -8.93 -15.95 4.06
C GLN A 22 -10.18 -15.94 3.18
N THR A 23 -11.34 -15.81 3.83
CA THR A 23 -12.62 -15.82 3.13
C THR A 23 -13.01 -14.41 2.67
N ASP A 24 -14.01 -14.34 1.78
CA ASP A 24 -14.50 -13.06 1.28
C ASP A 24 -14.96 -12.12 2.39
N GLU A 25 -15.64 -12.65 3.41
CA GLU A 25 -16.09 -11.77 4.48
C GLU A 25 -14.93 -11.23 5.32
N MET A 26 -13.82 -11.98 5.39
CA MET A 26 -12.68 -11.44 6.09
C MET A 26 -12.11 -10.25 5.29
N ARG A 27 -11.96 -10.42 3.98
CA ARG A 27 -11.40 -9.35 3.13
C ARG A 27 -12.24 -8.09 3.23
N ALA A 28 -13.57 -8.26 3.27
CA ALA A 28 -14.51 -7.17 3.33
C ALA A 28 -14.41 -6.39 4.62
N LEU A 29 -14.35 -7.12 5.74
CA LEU A 29 -14.16 -6.55 7.06
C LEU A 29 -12.87 -5.70 7.11
N ILE A 30 -11.76 -6.30 6.67
CA ILE A 30 -10.50 -5.55 6.59
C ILE A 30 -10.63 -4.22 5.80
N LYS A 31 -11.24 -4.27 4.62
CA LYS A 31 -11.46 -3.05 3.84
C LYS A 31 -12.36 -2.04 4.56
N ARG A 32 -13.42 -2.52 5.21
CA ARG A 32 -14.27 -1.65 6.03
C ARG A 32 -13.48 -0.97 7.17
N ALA A 33 -12.60 -1.71 7.85
CA ALA A 33 -11.83 -1.13 8.95
C ALA A 33 -10.88 -0.05 8.39
N ARG A 34 -10.27 -0.36 7.25
CA ARG A 34 -9.35 0.58 6.60
C ARG A 34 -10.15 1.80 6.15
N GLY A 35 -11.37 1.55 5.63
CA GLY A 35 -12.26 2.59 5.17
C GLY A 35 -12.68 3.50 6.31
N ALA A 36 -12.76 2.94 7.51
CA ALA A 36 -13.11 3.70 8.72
C ALA A 36 -11.95 4.43 9.40
N GLY A 37 -10.75 4.37 8.82
CA GLY A 37 -9.60 5.09 9.38
C GLY A 37 -8.64 4.30 10.26
N PHE A 38 -8.84 2.99 10.36
CA PHE A 38 -7.92 2.13 11.08
C PHE A 38 -6.81 1.65 10.20
N CYS A 39 -5.61 1.53 10.77
CA CYS A 39 -4.57 0.78 10.10
C CYS A 39 -4.70 -0.70 10.47
N VAL A 40 -4.32 -1.58 9.54
CA VAL A 40 -4.42 -3.02 9.81
C VAL A 40 -3.05 -3.62 9.48
N GLY A 41 -2.72 -4.69 10.17
CA GLY A 41 -1.41 -5.30 10.05
C GLY A 41 -1.52 -6.79 10.26
N THR A 42 -0.58 -7.56 9.68
CA THR A 42 -0.48 -8.94 10.06
C THR A 42 0.77 -9.15 10.88
N VAL A 43 0.72 -10.20 11.70
CA VAL A 43 1.95 -10.72 12.30
C VAL A 43 1.92 -12.24 12.38
N GLY A 44 2.98 -12.89 11.92
CA GLY A 44 2.96 -14.35 12.00
C GLY A 44 4.34 -14.83 12.22
N GLY A 45 4.43 -16.03 12.76
CA GLY A 45 5.70 -16.71 12.90
C GLY A 45 6.15 -17.32 11.59
N SER A 46 5.26 -17.37 10.60
CA SER A 46 5.56 -17.98 9.30
CA SER A 46 5.55 -17.97 9.29
C SER A 46 6.24 -16.98 8.35
N ASP A 47 6.72 -17.46 7.21
CA ASP A 47 7.40 -16.56 6.30
C ASP A 47 6.40 -15.74 5.46
N PHE A 48 6.94 -14.78 4.73
CA PHE A 48 6.13 -13.95 3.86
C PHE A 48 5.35 -14.83 2.84
N ALA A 49 6.02 -15.84 2.26
CA ALA A 49 5.38 -16.72 1.30
C ALA A 49 4.07 -17.31 1.85
N LYS A 50 4.09 -17.71 3.12
CA LYS A 50 2.92 -18.34 3.72
C LYS A 50 1.75 -17.34 3.83
N GLN A 51 2.07 -16.07 4.10
CA GLN A 51 1.02 -15.05 4.15
C GLN A 51 0.43 -14.79 2.77
N VAL A 52 1.29 -14.76 1.74
CA VAL A 52 0.83 -14.71 0.36
C VAL A 52 -0.11 -15.88 0.06
N GLU A 53 0.24 -17.07 0.54
CA GLU A 53 -0.61 -18.24 0.25
C GLU A 53 -1.99 -18.16 0.93
N GLN A 54 -2.03 -17.71 2.17
CA GLN A 54 -3.29 -17.72 2.88
CA GLN A 54 -3.22 -17.64 3.03
C GLN A 54 -4.08 -16.42 2.69
N LEU A 55 -3.41 -15.33 2.32
CA LEU A 55 -4.09 -14.03 2.19
C LEU A 55 -4.16 -13.47 0.79
N GLY A 56 -3.20 -13.84 -0.06
CA GLY A 56 -3.23 -13.40 -1.45
C GLY A 56 -1.93 -12.75 -1.87
N ARG A 57 -1.65 -12.85 -3.16
CA ARG A 57 -0.49 -12.22 -3.79
C ARG A 57 -0.37 -10.71 -3.53
N ASP A 58 -1.50 -10.04 -3.33
CA ASP A 58 -1.51 -8.61 -3.07
C ASP A 58 -1.61 -8.26 -1.59
N VAL A 59 -1.03 -9.10 -0.73
CA VAL A 59 -1.12 -8.90 0.72
C VAL A 59 -0.58 -7.52 1.13
N LEU A 60 0.46 -7.03 0.44
CA LEU A 60 1.04 -5.72 0.77
C LEU A 60 0.09 -4.54 0.48
N THR A 61 -0.87 -4.77 -0.41
CA THR A 61 -1.92 -3.83 -0.79
C THR A 61 -3.06 -3.88 0.19
N GLN A 62 -3.31 -5.07 0.72
CA GLN A 62 -4.45 -5.27 1.62
C GLN A 62 -4.21 -4.72 3.03
N PHE A 63 -2.95 -4.74 3.47
CA PHE A 63 -2.60 -4.38 4.83
C PHE A 63 -1.61 -3.22 4.89
N ASP A 64 -1.75 -2.42 5.94
CA ASP A 64 -0.82 -1.32 6.18
C ASP A 64 0.52 -1.85 6.58
N TYR A 65 0.51 -2.83 7.48
CA TYR A 65 1.75 -3.50 7.94
C TYR A 65 1.69 -5.01 7.67
N VAL A 66 2.83 -5.54 7.23
CA VAL A 66 2.94 -7.00 7.11
C VAL A 66 4.22 -7.36 7.81
N PHE A 67 4.07 -8.13 8.89
CA PHE A 67 5.18 -8.61 9.73
C PHE A 67 5.31 -10.13 9.56
N ALA A 68 6.31 -10.55 8.80
CA ALA A 68 6.59 -11.95 8.64
C ALA A 68 7.73 -12.32 9.60
N GLU A 69 7.82 -13.61 9.96
CA GLU A 69 8.85 -14.08 10.92
C GLU A 69 8.88 -13.19 12.17
N ASN A 70 7.70 -12.99 12.77
CA ASN A 70 7.52 -12.10 13.95
C ASN A 70 7.89 -10.59 13.81
N GLY A 71 8.01 -10.10 12.58
CA GLY A 71 8.48 -8.74 12.30
C GLY A 71 9.97 -8.71 12.05
N LEU A 72 10.62 -9.88 12.01
CA LEU A 72 12.04 -9.93 11.60
C LEU A 72 12.20 -9.57 10.11
N LEU A 73 11.10 -9.68 9.37
CA LEU A 73 10.98 -9.07 8.03
C LEU A 73 9.72 -8.20 8.15
N ALA A 74 9.84 -6.89 7.89
CA ALA A 74 8.76 -5.99 8.15
C ALA A 74 8.49 -5.10 6.93
N TYR A 75 7.21 -4.93 6.65
CA TYR A 75 6.72 -4.05 5.57
C TYR A 75 5.73 -3.03 6.07
N ARG A 76 5.88 -1.80 5.58
CA ARG A 76 4.91 -0.74 5.82
C ARG A 76 4.41 -0.19 4.47
N ASN A 77 3.13 -0.38 4.23
CA ASN A 77 2.47 0.03 2.97
C ASN A 77 3.34 -0.26 1.75
N GLY A 78 3.78 -1.51 1.63
CA GLY A 78 4.48 -1.91 0.43
C GLY A 78 5.99 -1.72 0.49
N LEU A 79 6.47 -0.98 1.49
CA LEU A 79 7.91 -0.72 1.58
C LEU A 79 8.53 -1.66 2.59
N GLU A 80 9.63 -2.33 2.24
CA GLU A 80 10.31 -3.16 3.24
C GLU A 80 11.02 -2.18 4.16
N ILE A 81 10.69 -2.25 5.44
CA ILE A 81 11.29 -1.33 6.44
C ILE A 81 12.29 -1.98 7.40
N HIS A 82 12.35 -3.31 7.39
CA HIS A 82 13.30 -3.99 8.26
C HIS A 82 13.53 -5.40 7.79
N ARG A 83 14.76 -5.88 7.92
CA ARG A 83 15.08 -7.26 7.57
C ARG A 83 16.25 -7.68 8.43
N GLN A 84 15.94 -8.45 9.45
CA GLN A 84 16.94 -8.88 10.44
C GLN A 84 17.65 -10.13 9.96
N SER A 85 18.84 -10.41 10.53
CA SER A 85 19.66 -11.55 10.18
C SER A 85 20.03 -12.34 11.44
N LEU A 86 19.80 -13.65 11.41
CA LEU A 86 20.12 -14.46 12.59
C LEU A 86 21.64 -14.46 12.85
N LEU A 87 22.44 -14.32 11.80
CA LEU A 87 23.90 -14.16 11.96
C LEU A 87 24.27 -13.00 12.91
N ASN A 88 23.42 -11.97 12.93
CA ASN A 88 23.61 -10.79 13.77
C ASN A 88 23.58 -11.12 15.25
N ALA A 89 22.69 -12.04 15.63
CA ALA A 89 22.50 -12.46 17.01
C ALA A 89 23.28 -13.70 17.45
N LEU A 90 23.57 -14.61 16.52
CA LEU A 90 24.04 -15.94 16.91
C LEU A 90 25.40 -16.18 16.29
N GLY A 91 25.54 -15.90 14.99
CA GLY A 91 26.87 -15.98 14.41
C GLY A 91 27.02 -17.36 13.82
N ASN A 92 27.96 -17.49 12.91
CA ASN A 92 28.07 -18.63 12.02
C ASN A 92 28.33 -19.93 12.75
N ASP A 93 29.38 -19.93 13.60
CA ASP A 93 29.77 -21.12 14.37
C ASP A 93 28.59 -21.75 15.16
N ARG A 94 27.85 -20.95 15.92
CA ARG A 94 26.66 -21.47 16.62
C ARG A 94 25.54 -21.93 15.74
N ILE A 95 25.29 -21.23 14.64
CA ILE A 95 24.25 -21.65 13.70
C ILE A 95 24.56 -23.05 13.17
N VAL A 96 25.82 -23.25 12.77
CA VAL A 96 26.26 -24.49 12.16
C VAL A 96 26.15 -25.62 13.20
N LYS A 97 26.61 -25.34 14.43
CA LYS A 97 26.42 -26.28 15.54
C LYS A 97 24.97 -26.70 15.73
N PHE A 98 24.10 -25.72 15.76
CA PHE A 98 22.67 -25.94 15.96
C PHE A 98 22.03 -26.77 14.84
N VAL A 99 22.28 -26.40 13.58
CA VAL A 99 21.63 -27.10 12.46
C VAL A 99 22.15 -28.54 12.32
N LYS A 100 23.43 -28.75 12.64
CA LYS A 100 24.00 -30.09 12.64
C LYS A 100 23.29 -31.02 13.61
N LYS A 101 23.11 -30.56 14.85
CA LYS A 101 22.45 -31.32 15.89
C LYS A 101 21.00 -31.61 15.51
N THR A 102 20.31 -30.58 15.02
CA THR A 102 18.92 -30.70 14.59
C THR A 102 18.76 -31.76 13.48
N LEU A 103 19.64 -31.72 12.51
CA LEU A 103 19.63 -32.72 11.43
C LEU A 103 19.77 -34.17 11.96
N ARG A 104 20.69 -34.38 12.92
CA ARG A 104 20.88 -35.73 13.49
C ARG A 104 19.65 -36.21 14.24
N LEU A 105 19.06 -35.32 15.04
CA LEU A 105 17.85 -35.64 15.79
C LEU A 105 16.70 -36.02 14.86
N ILE A 106 16.54 -35.26 13.79
CA ILE A 106 15.49 -35.55 12.81
C ILE A 106 15.69 -36.87 12.06
N ALA A 107 16.93 -37.11 11.65
CA ALA A 107 17.33 -38.38 11.04
C ALA A 107 17.04 -39.59 11.94
N ASP A 108 17.04 -39.40 13.25
CA ASP A 108 16.81 -40.47 14.24
C ASP A 108 15.34 -40.76 14.50
N LEU A 109 14.46 -39.96 13.91
CA LEU A 109 13.05 -40.09 14.22
C LEU A 109 12.48 -41.34 13.60
N ASP A 110 11.40 -41.84 14.20
CA ASP A 110 10.65 -42.95 13.62
C ASP A 110 9.20 -42.52 13.50
N ILE A 111 8.95 -41.71 12.49
CA ILE A 111 7.60 -41.23 12.22
C ILE A 111 7.16 -41.76 10.86
N PRO A 112 5.84 -41.74 10.57
CA PRO A 112 5.43 -42.44 9.38
C PRO A 112 5.92 -41.82 8.08
N VAL A 113 6.03 -40.48 8.03
CA VAL A 113 6.38 -39.78 6.79
C VAL A 113 7.44 -38.70 7.03
N GLN A 114 8.42 -38.69 6.12
CA GLN A 114 9.45 -37.66 6.06
C GLN A 114 9.74 -37.32 4.62
N ARG A 115 9.95 -36.04 4.35
CA ARG A 115 10.01 -35.56 2.95
C ARG A 115 11.21 -34.66 2.68
N GLY A 116 11.10 -33.38 3.02
CA GLY A 116 12.17 -32.45 2.69
C GLY A 116 11.93 -31.14 3.39
N THR A 117 12.97 -30.31 3.50
CA THR A 117 12.96 -28.98 4.17
C THR A 117 12.56 -29.19 5.64
N PHE A 118 13.49 -29.84 6.32
CA PHE A 118 13.47 -30.14 7.72
C PHE A 118 14.02 -28.96 8.49
N VAL A 119 15.05 -28.29 7.96
CA VAL A 119 15.63 -27.15 8.69
C VAL A 119 15.62 -25.99 7.77
N GLU A 120 14.76 -25.01 8.05
CA GLU A 120 14.64 -23.86 7.14
C GLU A 120 15.23 -22.60 7.76
N TYR A 121 16.24 -22.04 7.09
CA TYR A 121 16.94 -20.88 7.60
C TYR A 121 16.26 -19.66 6.98
N ARG A 122 15.64 -18.82 7.79
CA ARG A 122 14.86 -17.72 7.24
C ARG A 122 15.64 -16.47 7.31
N ASN A 123 15.02 -15.37 7.71
CA ASN A 123 15.77 -14.15 7.89
C ASN A 123 16.37 -14.09 9.27
N GLY A 124 15.51 -14.06 10.26
CA GLY A 124 15.98 -13.91 11.65
C GLY A 124 15.74 -15.12 12.53
N MET A 125 15.31 -16.22 11.92
CA MET A 125 14.92 -17.44 12.66
C MET A 125 15.19 -18.65 11.81
N ILE A 126 15.12 -19.81 12.48
CA ILE A 126 15.22 -21.11 11.87
C ILE A 126 13.91 -21.80 12.19
N ASN A 127 13.33 -22.45 11.19
CA ASN A 127 12.10 -23.22 11.39
C ASN A 127 12.45 -24.71 11.23
N VAL A 128 11.98 -25.52 12.16
CA VAL A 128 12.38 -26.93 12.20
C VAL A 128 11.13 -27.83 12.08
N SER A 129 11.12 -28.73 11.08
CA SER A 129 9.98 -29.63 10.79
C SER A 129 10.41 -31.10 10.78
N PRO A 130 9.89 -31.91 11.74
CA PRO A 130 10.20 -33.35 11.74
C PRO A 130 9.83 -34.07 10.45
N ILE A 131 8.68 -33.71 9.89
CA ILE A 131 8.20 -34.30 8.65
C ILE A 131 8.84 -33.63 7.42
N GLY A 132 9.17 -32.34 7.53
CA GLY A 132 9.64 -31.56 6.38
C GLY A 132 8.53 -30.78 5.73
N ARG A 133 8.80 -29.49 5.50
CA ARG A 133 7.86 -28.53 4.89
C ARG A 133 7.41 -28.92 3.48
N ASN A 134 8.19 -29.76 2.80
CA ASN A 134 7.79 -30.20 1.47
C ASN A 134 6.74 -31.30 1.42
N CYS A 135 6.14 -31.68 2.54
CA CYS A 135 5.06 -32.66 2.49
C CYS A 135 3.77 -32.02 1.92
N SER A 136 2.82 -32.87 1.52
CA SER A 136 1.52 -32.43 1.00
C SER A 136 0.58 -31.93 2.12
N GLN A 137 -0.53 -31.29 1.76
CA GLN A 137 -1.47 -30.80 2.78
C GLN A 137 -2.01 -31.95 3.64
N ALA A 138 -2.34 -33.07 2.99
CA ALA A 138 -2.88 -34.26 3.66
C ALA A 138 -1.85 -34.81 4.64
N GLU A 139 -0.60 -34.88 4.19
CA GLU A 139 0.51 -35.28 5.07
C GLU A 139 0.68 -34.34 6.28
N ARG A 140 0.41 -33.06 6.09
CA ARG A 140 0.47 -32.07 7.17
C ARG A 140 -0.60 -32.38 8.22
N ASP A 141 -1.81 -32.64 7.73
CA ASP A 141 -2.95 -32.95 8.59
C ASP A 141 -2.64 -34.17 9.43
N GLU A 142 -2.06 -35.16 8.78
CA GLU A 142 -1.73 -36.42 9.42
C GLU A 142 -0.55 -36.27 10.40
N PHE A 143 0.50 -35.57 10.01
CA PHE A 143 1.52 -35.28 11.01
C PHE A 143 0.96 -34.54 12.26
N GLU A 144 0.09 -33.55 12.04
CA GLU A 144 -0.48 -32.81 13.17
C GLU A 144 -1.16 -33.77 14.18
N VAL A 145 -1.94 -34.72 13.66
CA VAL A 145 -2.66 -35.69 14.47
C VAL A 145 -1.65 -36.52 15.24
N TYR A 146 -0.68 -37.04 14.49
CA TYR A 146 0.42 -37.83 14.99
C TYR A 146 1.16 -37.10 16.11
N ASP A 147 1.50 -35.85 15.86
CA ASP A 147 2.25 -35.07 16.81
C ASP A 147 1.41 -34.80 18.07
N ASN A 148 0.10 -34.63 17.91
CA ASN A 148 -0.82 -34.49 19.05
C ASN A 148 -0.69 -35.68 20.02
N GLU A 149 -0.62 -36.87 19.42
CA GLU A 149 -0.48 -38.13 20.14
C GLU A 149 0.92 -38.35 20.72
N HIS A 150 1.94 -38.21 19.87
CA HIS A 150 3.30 -38.64 20.21
C HIS A 150 4.23 -37.51 20.64
N ARG A 151 3.76 -36.27 20.53
CA ARG A 151 4.52 -35.05 20.90
C ARG A 151 5.94 -35.12 20.37
N VAL A 152 6.06 -35.24 19.06
CA VAL A 152 7.35 -35.35 18.42
C VAL A 152 8.09 -34.01 18.44
N ARG A 153 7.37 -32.93 18.15
CA ARG A 153 7.97 -31.59 18.21
C ARG A 153 8.47 -31.24 19.60
N ALA A 154 7.73 -31.62 20.63
CA ALA A 154 8.11 -31.29 22.02
C ALA A 154 9.37 -32.04 22.43
N SER A 155 9.45 -33.33 22.08
CA SER A 155 10.64 -34.17 22.31
C SER A 155 11.88 -33.54 21.67
N LEU A 156 11.70 -33.12 20.42
CA LEU A 156 12.76 -32.53 19.65
C LEU A 156 13.25 -31.24 20.32
N ILE A 157 12.32 -30.36 20.66
CA ILE A 157 12.65 -29.10 21.36
C ILE A 157 13.35 -29.42 22.68
N ALA A 158 12.84 -30.41 23.41
CA ALA A 158 13.43 -30.82 24.68
C ALA A 158 14.90 -31.23 24.51
N GLU A 159 15.17 -32.04 23.49
CA GLU A 159 16.54 -32.48 23.20
C GLU A 159 17.44 -31.31 22.78
N LEU A 160 16.90 -30.40 21.98
CA LEU A 160 17.64 -29.18 21.57
C LEU A 160 17.96 -28.26 22.76
N GLU A 161 16.97 -28.06 23.64
CA GLU A 161 17.19 -27.32 24.89
C GLU A 161 18.28 -27.91 25.77
N ASN A 162 18.37 -29.25 25.83
CA ASN A 162 19.44 -29.95 26.57
C ASN A 162 20.80 -29.74 25.93
N SER A 163 20.84 -29.78 24.59
CA SER A 163 22.09 -29.64 23.85
C SER A 163 22.62 -28.23 23.88
N PHE A 164 21.72 -27.25 23.90
CA PHE A 164 22.12 -25.85 23.74
C PHE A 164 21.56 -24.85 24.76
N PRO A 165 21.59 -25.18 26.07
CA PRO A 165 20.97 -24.27 27.03
C PRO A 165 21.57 -22.86 27.03
N ASP A 166 22.88 -22.77 26.77
CA ASP A 166 23.59 -21.49 26.74
C ASP A 166 23.33 -20.62 25.49
N PHE A 167 22.71 -21.22 24.46
CA PHE A 167 22.35 -20.49 23.24
C PHE A 167 21.27 -19.44 23.43
N GLY A 168 20.50 -19.63 24.51
CA GLY A 168 19.43 -18.75 24.95
C GLY A 168 18.28 -18.62 23.96
N LEU A 169 18.08 -19.66 23.14
CA LEU A 169 17.04 -19.62 22.10
C LEU A 169 15.67 -19.94 22.67
N LYS A 170 14.67 -19.38 22.02
CA LYS A 170 13.27 -19.70 22.30
C LYS A 170 12.75 -20.66 21.24
N TYR A 171 11.91 -21.61 21.65
CA TYR A 171 11.41 -22.63 20.74
C TYR A 171 9.93 -22.53 20.80
N SER A 172 9.32 -22.35 19.65
CA SER A 172 7.96 -21.89 19.58
C SER A 172 7.21 -22.74 18.58
N ILE A 173 6.43 -23.68 19.08
CA ILE A 173 5.58 -24.48 18.21
C ILE A 173 4.53 -23.59 17.56
N GLY A 174 4.22 -23.87 16.29
CA GLY A 174 3.23 -23.08 15.54
C GLY A 174 2.81 -23.82 14.29
N GLY A 175 1.53 -23.71 13.94
CA GLY A 175 1.00 -24.45 12.79
C GLY A 175 1.12 -25.95 12.96
N GLN A 176 1.01 -26.68 11.85
CA GLN A 176 0.82 -28.14 11.89
C GLN A 176 2.07 -29.02 12.02
N ILE A 177 3.23 -28.53 11.60
CA ILE A 177 4.35 -29.44 11.33
C ILE A 177 5.74 -28.99 11.83
N SER A 178 5.82 -27.84 12.49
CA SER A 178 7.10 -27.23 12.77
C SER A 178 7.13 -26.42 14.09
N PHE A 179 8.33 -25.89 14.38
CA PHE A 179 8.48 -24.90 15.39
C PHE A 179 9.54 -23.92 14.91
N ASP A 180 9.40 -22.68 15.36
CA ASP A 180 10.37 -21.62 15.08
C ASP A 180 11.37 -21.62 16.20
N VAL A 181 12.60 -21.20 15.88
CA VAL A 181 13.66 -21.06 16.86
C VAL A 181 14.27 -19.67 16.64
N PHE A 182 14.43 -18.91 17.70
CA PHE A 182 14.98 -17.57 17.59
C PHE A 182 15.48 -17.09 18.92
N PRO A 183 16.35 -16.03 18.90
CA PRO A 183 16.84 -15.47 20.17
C PRO A 183 15.70 -14.94 21.05
N VAL A 184 15.86 -15.05 22.37
CA VAL A 184 14.92 -14.45 23.32
C VAL A 184 14.76 -12.98 22.90
N GLY A 185 13.51 -12.52 22.85
CA GLY A 185 13.17 -11.18 22.36
C GLY A 185 12.82 -11.03 20.89
N TRP A 186 13.04 -12.08 20.10
CA TRP A 186 12.63 -12.03 18.68
C TRP A 186 11.30 -12.79 18.45
N ASP A 187 10.50 -12.85 19.51
CA ASP A 187 9.11 -13.34 19.48
C ASP A 187 8.25 -12.24 18.84
N LYS A 188 6.93 -12.42 18.77
CA LYS A 188 6.07 -11.49 18.04
C LYS A 188 6.13 -10.04 18.55
N THR A 189 6.53 -9.82 19.81
CA THR A 189 6.64 -8.45 20.30
C THR A 189 7.70 -7.68 19.51
N TYR A 190 8.57 -8.41 18.80
CA TYR A 190 9.63 -7.77 18.00
C TYR A 190 9.03 -6.72 17.04
N CYS A 191 7.81 -7.00 16.53
CA CYS A 191 7.27 -6.10 15.50
C CYS A 191 6.85 -4.75 16.08
N LEU A 192 6.67 -4.67 17.40
CA LEU A 192 6.09 -3.46 18.02
C LEU A 192 7.00 -2.25 17.98
N GLN A 193 8.30 -2.50 17.95
CA GLN A 193 9.29 -1.44 17.81
C GLN A 193 9.01 -0.56 16.56
N PHE A 194 8.36 -1.14 15.56
CA PHE A 194 8.15 -0.49 14.24
C PHE A 194 6.87 0.34 14.14
N VAL A 195 5.97 0.14 15.10
CA VAL A 195 4.66 0.85 15.15
C VAL A 195 4.37 1.65 16.44
N GLU A 196 5.09 1.38 17.52
CA GLU A 196 4.75 1.92 18.87
C GLU A 196 4.66 3.44 18.91
N ASP A 197 5.48 4.10 18.09
CA ASP A 197 5.57 5.55 18.08
C ASP A 197 4.53 6.19 17.17
N ASP A 198 3.76 5.37 16.46
CA ASP A 198 2.89 5.85 15.37
C ASP A 198 1.38 5.65 15.60
N PHE A 199 1.00 5.00 16.69
CA PHE A 199 -0.43 4.76 17.01
C PHE A 199 -0.71 5.15 18.46
N GLU A 200 -1.93 5.61 18.72
CA GLU A 200 -2.34 5.84 20.11
C GLU A 200 -2.81 4.53 20.75
N GLU A 201 -3.29 3.61 19.93
CA GLU A 201 -3.69 2.28 20.39
C GLU A 201 -3.23 1.25 19.37
N ILE A 202 -2.79 0.12 19.88
CA ILE A 202 -2.48 -1.04 19.05
C ILE A 202 -3.27 -2.19 19.68
N HIS A 203 -4.20 -2.75 18.91
CA HIS A 203 -5.04 -3.88 19.31
C HIS A 203 -4.41 -5.12 18.73
N PHE A 204 -4.17 -6.14 19.54
CA PHE A 204 -3.63 -7.39 18.99
C PHE A 204 -4.70 -8.48 19.02
N PHE A 205 -4.81 -9.30 17.98
CA PHE A 205 -5.83 -10.39 17.94
C PHE A 205 -5.07 -11.69 17.65
N GLY A 206 -5.25 -12.69 18.51
CA GLY A 206 -4.60 -13.98 18.28
C GLY A 206 -5.21 -15.02 19.18
N ASP A 207 -4.81 -16.28 18.98
CA ASP A 207 -5.44 -17.39 19.65
C ASP A 207 -4.56 -18.10 20.69
N LYS A 208 -3.24 -17.94 20.57
CA LYS A 208 -2.34 -18.71 21.45
C LYS A 208 -1.71 -17.83 22.52
N THR A 209 -2.57 -17.31 23.37
CA THR A 209 -2.30 -16.15 24.21
C THR A 209 -1.81 -16.48 25.63
N GLN A 210 -1.57 -17.75 25.92
CA GLN A 210 -1.13 -18.14 27.26
C GLN A 210 0.30 -18.63 27.28
N GLU A 211 0.82 -18.84 28.49
CA GLU A 211 2.20 -19.28 28.71
C GLU A 211 2.56 -20.42 27.75
N GLY A 212 3.61 -20.24 26.96
CA GLY A 212 4.01 -21.24 25.95
C GLY A 212 3.31 -21.14 24.61
N GLY A 213 2.40 -20.18 24.45
CA GLY A 213 1.69 -19.97 23.20
C GLY A 213 2.45 -18.92 22.41
N ASN A 214 2.47 -19.07 21.09
CA ASN A 214 3.25 -18.13 20.25
C ASN A 214 2.67 -16.69 20.16
N ASP A 215 1.50 -16.46 20.79
CA ASP A 215 0.93 -15.10 20.93
C ASP A 215 1.01 -14.50 22.36
N TYR A 216 1.58 -15.26 23.30
CA TYR A 216 1.68 -14.84 24.71
C TYR A 216 2.36 -13.51 24.93
N GLU A 217 3.58 -13.38 24.43
CA GLU A 217 4.36 -12.14 24.65
C GLU A 217 3.64 -10.92 24.07
N ILE A 218 3.16 -11.02 22.84
CA ILE A 218 2.56 -9.88 22.14
C ILE A 218 1.18 -9.53 22.73
N TYR A 219 0.40 -10.56 23.08
CA TYR A 219 -0.83 -10.32 23.83
C TYR A 219 -0.60 -9.53 25.15
N THR A 220 0.39 -9.99 25.94
CA THR A 220 0.64 -9.45 27.28
C THR A 220 1.57 -8.25 27.30
N ASP A 221 1.97 -7.77 26.11
CA ASP A 221 2.87 -6.61 26.02
C ASP A 221 2.05 -5.40 26.42
N LYS A 222 2.61 -4.56 27.28
CA LYS A 222 1.90 -3.36 27.75
C LYS A 222 1.54 -2.40 26.63
N ARG A 223 2.10 -2.62 25.45
CA ARG A 223 1.88 -1.70 24.32
C ARG A 223 0.62 -2.11 23.56
N THR A 224 0.06 -3.27 23.86
CA THR A 224 -1.07 -3.81 23.05
C THR A 224 -2.30 -4.02 23.88
N ILE A 225 -3.45 -3.75 23.29
CA ILE A 225 -4.76 -4.09 23.90
C ILE A 225 -5.06 -5.47 23.35
N GLY A 226 -5.09 -6.50 24.18
CA GLY A 226 -5.12 -7.89 23.65
C GLY A 226 -6.55 -8.39 23.48
N HIS A 227 -6.82 -9.13 22.38
CA HIS A 227 -8.15 -9.73 22.14
C HIS A 227 -7.94 -11.17 21.76
N LYS A 228 -8.24 -12.04 22.70
CA LYS A 228 -8.05 -13.47 22.50
C LYS A 228 -9.21 -13.94 21.64
N VAL A 229 -8.90 -14.52 20.49
CA VAL A 229 -9.95 -15.01 19.57
C VAL A 229 -9.85 -16.53 19.41
N THR A 230 -10.95 -17.18 19.05
CA THR A 230 -10.92 -18.63 18.78
C THR A 230 -11.18 -19.00 17.33
N SER A 231 -11.47 -17.99 16.51
CA SER A 231 -11.74 -18.17 15.08
C SER A 231 -11.75 -16.83 14.37
N TYR A 232 -11.73 -16.88 13.06
CA TYR A 232 -11.76 -15.62 12.31
C TYR A 232 -13.14 -14.94 12.47
N LYS A 233 -14.16 -15.74 12.76
CA LYS A 233 -15.48 -15.17 12.99
C LYS A 233 -15.50 -14.34 14.26
N ASP A 234 -14.81 -14.83 15.29
CA ASP A 234 -14.62 -14.11 16.53
C ASP A 234 -13.94 -12.79 16.22
N THR A 235 -12.90 -12.84 15.38
CA THR A 235 -12.13 -11.63 14.99
C THR A 235 -13.03 -10.57 14.37
N ILE A 236 -13.77 -10.99 13.35
CA ILE A 236 -14.75 -10.14 12.68
C ILE A 236 -15.69 -9.45 13.68
N ALA A 237 -16.34 -10.24 14.53
CA ALA A 237 -17.31 -9.72 15.47
C ALA A 237 -16.69 -8.67 16.43
N GLU A 238 -15.45 -8.89 16.85
CA GLU A 238 -14.80 -7.95 17.74
C GLU A 238 -14.39 -6.70 16.95
N VAL A 239 -13.94 -6.90 15.71
CA VAL A 239 -13.55 -5.73 14.87
C VAL A 239 -14.76 -4.87 14.50
N GLU A 240 -15.92 -5.52 14.35
CA GLU A 240 -17.20 -4.83 14.15
C GLU A 240 -17.51 -3.87 15.30
N LYS A 241 -17.19 -4.28 16.51
CA LYS A 241 -17.42 -3.48 17.68
C LYS A 241 -16.45 -2.31 17.77
N ILE A 242 -15.18 -2.56 17.43
CA ILE A 242 -14.19 -1.51 17.35
C ILE A 242 -14.61 -0.46 16.28
N ILE A 243 -15.03 -0.92 15.11
CA ILE A 243 -15.56 -0.02 14.06
C ILE A 243 -16.78 0.82 14.52
N ALA A 244 -17.75 0.17 15.18
CA ALA A 244 -18.91 0.84 15.74
C ALA A 244 -18.57 1.97 16.74
N MET A 245 -17.53 1.79 17.56
CA MET A 245 -17.13 2.82 18.55
C MET A 245 -16.08 3.78 17.97
N LYS A 246 -16.03 3.85 16.64
CA LYS A 246 -15.01 4.54 15.84
C LYS A 246 -13.98 5.39 16.62
N GLY B 1 9.90 7.42 13.90
CA GLY B 1 8.41 7.52 13.74
C GLY B 1 8.01 8.16 12.41
N MET B 2 6.73 7.99 12.06
CA MET B 2 6.13 8.69 10.92
C MET B 2 6.19 10.18 11.22
N LYS B 3 6.58 10.99 10.23
CA LYS B 3 6.81 12.43 10.44
C LYS B 3 5.51 13.24 10.52
N ARG B 4 4.43 12.63 10.08
CA ARG B 4 3.15 13.32 9.88
C ARG B 4 3.32 14.48 8.87
N VAL B 5 4.05 14.21 7.81
CA VAL B 5 4.10 15.17 6.73
C VAL B 5 3.99 14.49 5.42
N LEU B 6 3.10 15.05 4.61
CA LEU B 6 2.80 14.57 3.29
C LEU B 6 3.51 15.39 2.22
N LEU B 7 4.12 14.69 1.27
CA LEU B 7 4.74 15.34 0.10
C LEU B 7 3.84 14.94 -1.08
N LEU B 8 3.21 15.96 -1.65
CA LEU B 8 2.17 15.77 -2.67
C LEU B 8 2.71 16.35 -3.95
N PHE B 9 2.75 15.52 -4.99
CA PHE B 9 3.41 15.87 -6.23
C PHE B 9 2.48 15.81 -7.41
N ASP B 10 2.58 16.81 -8.28
CA ASP B 10 2.14 16.65 -9.66
C ASP B 10 3.00 15.60 -10.36
N VAL B 11 2.51 15.11 -11.49
CA VAL B 11 3.14 13.95 -12.14
C VAL B 11 4.01 14.41 -13.29
N ASP B 12 3.42 14.74 -14.44
CA ASP B 12 4.26 15.13 -15.58
C ASP B 12 5.06 16.39 -15.26
N GLY B 13 6.38 16.31 -15.42
CA GLY B 13 7.23 17.49 -15.26
C GLY B 13 7.59 17.80 -13.83
N THR B 14 6.96 17.14 -12.88
CA THR B 14 7.31 17.31 -11.47
C THR B 14 7.97 16.04 -10.97
N LEU B 15 7.36 14.90 -11.31
CA LEU B 15 7.93 13.57 -10.99
C LEU B 15 8.68 12.96 -12.17
N THR B 16 8.47 13.51 -13.36
CA THR B 16 8.97 12.96 -14.62
C THR B 16 9.59 14.02 -15.49
N PRO B 17 10.47 13.59 -16.42
CA PRO B 17 10.84 14.40 -17.58
C PRO B 17 9.57 14.73 -18.35
N PRO B 18 9.55 15.84 -19.10
CA PRO B 18 8.29 16.16 -19.75
C PRO B 18 7.86 15.01 -20.68
N ARG B 19 6.62 14.56 -20.52
CA ARG B 19 6.03 13.56 -21.41
C ARG B 19 6.67 12.15 -21.33
N LEU B 20 7.56 11.91 -20.36
CA LEU B 20 8.22 10.60 -20.20
C LEU B 20 7.90 9.92 -18.86
N CYS B 21 8.21 8.62 -18.77
CA CYS B 21 8.16 7.81 -17.52
C CYS B 21 9.10 8.38 -16.43
N GLN B 22 8.76 8.14 -15.17
CA GLN B 22 9.64 8.53 -14.07
C GLN B 22 10.99 7.81 -14.13
N THR B 23 12.06 8.49 -13.75
CA THR B 23 13.39 7.88 -13.81
C THR B 23 13.71 7.09 -12.53
N ASP B 24 14.72 6.23 -12.62
CA ASP B 24 15.24 5.54 -11.44
C ASP B 24 15.60 6.49 -10.30
N GLU B 25 16.25 7.61 -10.62
CA GLU B 25 16.58 8.65 -9.65
C GLU B 25 15.35 9.09 -8.88
N MET B 26 14.24 9.31 -9.60
CA MET B 26 12.98 9.70 -8.94
C MET B 26 12.42 8.58 -8.05
N ARG B 27 12.43 7.35 -8.54
CA ARG B 27 11.91 6.23 -7.73
C ARG B 27 12.70 6.07 -6.44
N ALA B 28 14.03 6.20 -6.54
CA ALA B 28 14.88 6.02 -5.38
C ALA B 28 14.64 7.11 -4.35
N LEU B 29 14.51 8.36 -4.79
CA LEU B 29 14.20 9.48 -3.90
C LEU B 29 12.88 9.28 -3.13
N ILE B 30 11.84 8.90 -3.87
CA ILE B 30 10.53 8.63 -3.24
C ILE B 30 10.64 7.56 -2.17
N LYS B 31 11.31 6.46 -2.50
CA LYS B 31 11.53 5.40 -1.51
C LYS B 31 12.29 5.90 -0.29
N ARG B 32 13.32 6.74 -0.51
CA ARG B 32 14.06 7.35 0.58
C ARG B 32 13.16 8.21 1.46
N ALA B 33 12.29 9.03 0.84
CA ALA B 33 11.34 9.89 1.58
C ALA B 33 10.42 9.03 2.45
N ARG B 34 9.89 7.96 1.89
CA ARG B 34 8.96 7.10 2.64
C ARG B 34 9.71 6.35 3.78
N GLY B 35 10.93 5.87 3.49
CA GLY B 35 11.81 5.25 4.49
C GLY B 35 12.11 6.22 5.63
N ALA B 36 12.19 7.52 5.31
CA ALA B 36 12.39 8.59 6.30
C ALA B 36 11.13 8.95 7.11
N GLY B 37 10.01 8.28 6.86
CA GLY B 37 8.76 8.54 7.60
C GLY B 37 7.83 9.58 7.00
N PHE B 38 8.11 9.99 5.75
CA PHE B 38 7.22 10.95 5.08
C PHE B 38 6.19 10.15 4.33
N CYS B 39 4.96 10.65 4.27
CA CYS B 39 4.02 10.13 3.28
C CYS B 39 4.21 10.85 1.94
N VAL B 40 3.99 10.11 0.84
CA VAL B 40 4.09 10.67 -0.49
C VAL B 40 2.76 10.43 -1.22
N GLY B 41 2.40 11.36 -2.10
CA GLY B 41 1.15 11.27 -2.82
C GLY B 41 1.28 11.91 -4.18
N THR B 42 0.48 11.43 -5.12
CA THR B 42 0.34 12.05 -6.41
C THR B 42 -0.98 12.82 -6.53
N VAL B 43 -0.93 13.87 -7.34
CA VAL B 43 -2.14 14.54 -7.73
C VAL B 43 -2.05 14.97 -9.18
N GLY B 44 -3.03 14.59 -9.99
CA GLY B 44 -2.98 15.03 -11.40
C GLY B 44 -4.39 15.21 -11.93
N GLY B 45 -4.52 16.04 -12.97
CA GLY B 45 -5.81 16.21 -13.66
C GLY B 45 -6.14 15.03 -14.58
N SER B 46 -5.09 14.29 -14.97
CA SER B 46 -5.21 13.12 -15.84
C SER B 46 -5.88 11.95 -15.11
N ASP B 47 -6.26 10.91 -15.82
CA ASP B 47 -6.92 9.77 -15.20
C ASP B 47 -5.88 8.84 -14.57
N PHE B 48 -6.37 7.80 -13.92
CA PHE B 48 -5.51 6.86 -13.24
C PHE B 48 -4.60 6.12 -14.25
N ALA B 49 -5.11 5.85 -15.44
CA ALA B 49 -4.38 5.14 -16.47
C ALA B 49 -3.11 5.90 -16.84
N LYS B 50 -3.21 7.23 -16.90
CA LYS B 50 -2.07 8.05 -17.28
C LYS B 50 -0.96 7.92 -16.22
N GLN B 51 -1.37 7.84 -14.96
CA GLN B 51 -0.43 7.66 -13.85
C GLN B 51 0.28 6.31 -13.89
N VAL B 52 -0.46 5.26 -14.18
CA VAL B 52 0.14 3.95 -14.45
C VAL B 52 1.17 4.02 -15.61
N GLU B 53 0.84 4.75 -16.66
CA GLU B 53 1.73 4.86 -17.81
C GLU B 53 3.04 5.57 -17.40
N GLN B 54 2.92 6.62 -16.59
CA GLN B 54 4.05 7.45 -16.26
C GLN B 54 4.90 6.94 -15.07
N LEU B 55 4.24 6.27 -14.14
CA LEU B 55 4.88 5.91 -12.87
C LEU B 55 5.02 4.42 -12.68
N GLY B 56 4.12 3.67 -13.33
CA GLY B 56 4.21 2.22 -13.33
C GLY B 56 2.93 1.60 -12.81
N ARG B 57 2.77 0.32 -13.16
CA ARG B 57 1.61 -0.49 -12.80
C ARG B 57 1.42 -0.59 -11.30
N ASP B 58 2.52 -0.52 -10.54
CA ASP B 58 2.46 -0.66 -9.09
C ASP B 58 2.45 0.71 -8.39
N VAL B 59 1.90 1.72 -9.08
CA VAL B 59 1.78 3.06 -8.51
C VAL B 59 1.10 3.10 -7.14
N LEU B 60 0.04 2.29 -6.95
CA LEU B 60 -0.59 2.24 -5.63
C LEU B 60 0.32 1.76 -4.50
N THR B 61 1.38 1.02 -4.86
CA THR B 61 2.37 0.50 -3.91
C THR B 61 3.45 1.54 -3.64
N GLN B 62 3.78 2.36 -4.64
CA GLN B 62 4.84 3.37 -4.56
C GLN B 62 4.47 4.53 -3.66
N PHE B 63 3.17 4.86 -3.64
CA PHE B 63 2.66 6.11 -3.09
C PHE B 63 1.62 5.80 -2.04
N ASP B 64 1.69 6.53 -0.94
CA ASP B 64 0.65 6.49 0.08
C ASP B 64 -0.69 6.95 -0.44
N TYR B 65 -0.68 8.04 -1.22
CA TYR B 65 -1.92 8.57 -1.82
C TYR B 65 -1.79 8.69 -3.32
N VAL B 66 -2.85 8.30 -4.00
CA VAL B 66 -2.93 8.52 -5.46
C VAL B 66 -4.24 9.26 -5.79
N PHE B 67 -4.12 10.52 -6.24
CA PHE B 67 -5.28 11.35 -6.58
C PHE B 67 -5.33 11.55 -8.08
N ALA B 68 -6.27 10.91 -8.74
CA ALA B 68 -6.43 11.00 -10.19
C ALA B 68 -7.57 11.96 -10.40
N GLU B 69 -7.64 12.61 -11.57
CA GLU B 69 -8.70 13.58 -11.84
C GLU B 69 -8.87 14.54 -10.66
N ASN B 70 -7.75 15.11 -10.19
CA ASN B 70 -7.77 16.14 -9.15
C ASN B 70 -8.17 15.63 -7.76
N GLY B 71 -8.29 14.32 -7.63
CA GLY B 71 -8.77 13.66 -6.40
C GLY B 71 -10.22 13.25 -6.48
N LEU B 72 -10.86 13.53 -7.61
CA LEU B 72 -12.24 12.95 -7.86
C LEU B 72 -12.27 11.42 -7.93
N LEU B 73 -11.10 10.83 -8.20
CA LEU B 73 -10.84 9.43 -7.87
C LEU B 73 -9.66 9.42 -6.92
N ALA B 74 -9.84 8.86 -5.72
CA ALA B 74 -8.81 8.93 -4.69
C ALA B 74 -8.48 7.55 -4.07
N TYR B 75 -7.19 7.32 -3.89
CA TYR B 75 -6.69 6.12 -3.21
C TYR B 75 -5.78 6.45 -2.04
N ARG B 76 -5.90 5.64 -0.99
CA ARG B 76 -5.00 5.75 0.17
C ARG B 76 -4.43 4.36 0.41
N ASN B 77 -3.10 4.25 0.29
CA ASN B 77 -2.40 2.98 0.48
C ASN B 77 -3.12 1.79 -0.14
N GLY B 78 -3.47 1.90 -1.42
CA GLY B 78 -4.04 0.76 -2.11
C GLY B 78 -5.56 0.65 -2.08
N LEU B 79 -6.20 1.41 -1.17
CA LEU B 79 -7.69 1.37 -1.01
C LEU B 79 -8.36 2.56 -1.72
N GLU B 80 -9.38 2.30 -2.56
CA GLU B 80 -10.12 3.41 -3.17
C GLU B 80 -10.96 4.06 -2.09
N ILE B 81 -10.68 5.32 -1.79
CA ILE B 81 -11.40 6.02 -0.70
C ILE B 81 -12.48 6.99 -1.18
N HIS B 82 -12.48 7.32 -2.47
CA HIS B 82 -13.45 8.27 -3.01
C HIS B 82 -13.53 8.13 -4.53
N ARG B 83 -14.77 8.21 -5.02
CA ARG B 83 -15.01 8.28 -6.45
C ARG B 83 -16.24 9.14 -6.74
N GLN B 84 -15.95 10.32 -7.28
CA GLN B 84 -17.00 11.30 -7.48
C GLN B 84 -17.55 11.15 -8.89
N SER B 85 -18.70 11.76 -9.10
CA SER B 85 -19.42 11.65 -10.34
C SER B 85 -19.82 13.04 -10.87
N LEU B 86 -19.40 13.34 -12.11
CA LEU B 86 -19.75 14.63 -12.73
C LEU B 86 -21.27 14.77 -12.78
N LEU B 87 -21.95 13.66 -12.94
CA LEU B 87 -23.40 13.64 -13.01
C LEU B 87 -24.05 14.23 -11.75
N ASN B 88 -23.44 13.94 -10.59
CA ASN B 88 -23.86 14.52 -9.32
C ASN B 88 -23.85 16.03 -9.29
N ALA B 89 -22.87 16.65 -9.94
CA ALA B 89 -22.73 18.10 -9.94
C ALA B 89 -23.52 18.80 -11.00
N LEU B 90 -23.67 18.18 -12.17
CA LEU B 90 -24.26 18.84 -13.33
C LEU B 90 -25.62 18.29 -13.63
N GLY B 91 -25.79 16.99 -13.44
CA GLY B 91 -27.01 16.35 -13.90
C GLY B 91 -26.95 16.08 -15.41
N ASN B 92 -27.76 15.12 -15.83
CA ASN B 92 -27.76 14.57 -17.20
C ASN B 92 -27.94 15.58 -18.34
N ASP B 93 -28.97 16.42 -18.26
CA ASP B 93 -29.30 17.33 -19.36
C ASP B 93 -28.19 18.29 -19.74
N ARG B 94 -27.54 18.80 -18.71
CA ARG B 94 -26.45 19.72 -18.83
C ARG B 94 -25.23 19.02 -19.44
N ILE B 95 -24.95 17.80 -18.96
CA ILE B 95 -23.89 16.97 -19.59
C ILE B 95 -24.16 16.73 -21.08
N VAL B 96 -25.38 16.34 -21.41
CA VAL B 96 -25.76 16.06 -22.77
C VAL B 96 -25.63 17.33 -23.63
N LYS B 97 -26.08 18.45 -23.09
CA LYS B 97 -25.99 19.71 -23.81
C LYS B 97 -24.54 20.04 -24.11
N PHE B 98 -23.71 19.85 -23.09
CA PHE B 98 -22.31 20.20 -23.14
C PHE B 98 -21.60 19.32 -24.19
N VAL B 99 -21.78 18.00 -24.12
CA VAL B 99 -21.07 17.09 -25.03
C VAL B 99 -21.54 17.29 -26.49
N LYS B 100 -22.82 17.56 -26.69
CA LYS B 100 -23.34 17.82 -28.04
C LYS B 100 -22.69 19.06 -28.63
N LYS B 101 -22.61 20.13 -27.85
CA LYS B 101 -21.99 21.33 -28.34
C LYS B 101 -20.52 21.07 -28.62
N THR B 102 -19.86 20.33 -27.72
CA THR B 102 -18.44 20.05 -27.82
C THR B 102 -18.16 19.24 -29.09
N LEU B 103 -18.96 18.20 -29.31
CA LEU B 103 -18.89 17.38 -30.53
C LEU B 103 -19.04 18.19 -31.80
N ARG B 104 -20.04 19.08 -31.86
CA ARG B 104 -20.21 19.95 -33.03
C ARG B 104 -19.00 20.84 -33.27
N LEU B 105 -18.49 21.45 -32.19
CA LEU B 105 -17.32 22.31 -32.30
C LEU B 105 -16.08 21.56 -32.80
N ILE B 106 -15.86 20.37 -32.24
CA ILE B 106 -14.79 19.48 -32.71
C ILE B 106 -14.99 19.08 -34.17
N ALA B 107 -16.19 18.67 -34.55
CA ALA B 107 -16.53 18.33 -35.94
C ALA B 107 -16.25 19.45 -36.95
N ASP B 108 -16.29 20.69 -36.46
CA ASP B 108 -16.10 21.89 -37.26
C ASP B 108 -14.65 22.33 -37.39
N LEU B 109 -13.74 21.60 -36.77
CA LEU B 109 -12.35 22.01 -36.76
C LEU B 109 -11.64 21.72 -38.07
N ASP B 110 -10.61 22.52 -38.36
CA ASP B 110 -9.75 22.31 -39.51
C ASP B 110 -8.32 22.05 -39.06
N ILE B 111 -8.10 20.87 -38.50
CA ILE B 111 -6.78 20.47 -38.02
C ILE B 111 -6.28 19.26 -38.83
N PRO B 112 -4.95 19.10 -38.93
CA PRO B 112 -4.36 18.04 -39.77
C PRO B 112 -4.86 16.64 -39.48
N VAL B 113 -4.97 16.31 -38.19
CA VAL B 113 -5.14 14.94 -37.74
C VAL B 113 -6.28 14.85 -36.72
N GLN B 114 -7.18 13.89 -36.92
CA GLN B 114 -8.19 13.59 -35.89
C GLN B 114 -8.42 12.09 -35.89
N ARG B 115 -8.62 11.54 -34.69
CA ARG B 115 -8.64 10.10 -34.56
C ARG B 115 -9.91 9.63 -33.84
N GLY B 116 -9.93 9.70 -32.51
CA GLY B 116 -11.06 9.20 -31.75
C GLY B 116 -10.88 9.58 -30.31
N THR B 117 -11.95 9.46 -29.52
CA THR B 117 -11.95 9.81 -28.07
C THR B 117 -11.63 11.30 -27.94
N PHE B 118 -12.61 12.05 -28.44
CA PHE B 118 -12.57 13.52 -28.51
C PHE B 118 -13.15 14.07 -27.23
N VAL B 119 -14.17 13.38 -26.73
CA VAL B 119 -14.83 13.80 -25.51
C VAL B 119 -14.87 12.60 -24.58
N GLU B 120 -14.02 12.62 -23.55
CA GLU B 120 -13.93 11.48 -22.63
C GLU B 120 -14.59 11.83 -21.32
N TYR B 121 -15.64 11.10 -21.01
CA TYR B 121 -16.31 11.27 -19.76
C TYR B 121 -15.61 10.43 -18.71
N ARG B 122 -14.98 11.09 -17.74
CA ARG B 122 -14.22 10.40 -16.73
C ARG B 122 -15.08 10.11 -15.48
N ASN B 123 -14.55 10.36 -14.29
CA ASN B 123 -15.35 10.22 -13.11
C ASN B 123 -16.05 11.51 -12.74
N GLY B 124 -15.28 12.55 -12.45
CA GLY B 124 -15.85 13.86 -12.09
C GLY B 124 -15.47 14.97 -13.04
N MET B 125 -14.99 14.60 -14.21
CA MET B 125 -14.66 15.58 -15.23
C MET B 125 -14.82 15.03 -16.63
N ILE B 126 -14.76 15.95 -17.59
CA ILE B 126 -14.69 15.64 -19.01
C ILE B 126 -13.38 16.14 -19.56
N ASN B 127 -12.73 15.29 -20.36
CA ASN B 127 -11.52 15.68 -20.99
C ASN B 127 -11.82 15.83 -22.47
N VAL B 128 -11.33 16.92 -23.06
CA VAL B 128 -11.69 17.27 -24.44
C VAL B 128 -10.42 17.37 -25.26
N SER B 129 -10.37 16.56 -26.33
CA SER B 129 -9.19 16.54 -27.20
C SER B 129 -9.64 16.81 -28.64
N PRO B 130 -9.18 17.93 -29.24
CA PRO B 130 -9.49 18.21 -30.63
C PRO B 130 -9.00 17.11 -31.57
N ILE B 131 -7.82 16.55 -31.30
CA ILE B 131 -7.24 15.49 -32.12
C ILE B 131 -7.82 14.10 -31.75
N GLY B 132 -8.19 13.94 -30.49
CA GLY B 132 -8.63 12.67 -29.95
C GLY B 132 -7.49 11.94 -29.25
N ARG B 133 -7.81 11.40 -28.07
CA ARG B 133 -6.87 10.63 -27.24
C ARG B 133 -6.37 9.32 -27.86
N ASN B 134 -7.08 8.82 -28.87
CA ASN B 134 -6.68 7.59 -29.59
C ASN B 134 -5.54 7.76 -30.58
N CYS B 135 -4.93 8.94 -30.59
CA CYS B 135 -3.84 9.19 -31.52
C CYS B 135 -2.54 8.58 -30.96
N SER B 136 -1.54 8.40 -31.82
CA SER B 136 -0.18 7.93 -31.43
C SER B 136 0.66 9.02 -30.72
N GLN B 137 1.74 8.62 -30.06
CA GLN B 137 2.62 9.61 -29.42
C GLN B 137 3.18 10.62 -30.42
N ALA B 138 3.51 10.14 -31.61
CA ALA B 138 4.03 11.01 -32.67
C ALA B 138 2.96 12.04 -32.99
N GLU B 139 1.71 11.57 -33.10
CA GLU B 139 0.59 12.45 -33.41
C GLU B 139 0.35 13.46 -32.30
N ARG B 140 0.58 13.06 -31.04
CA ARG B 140 0.45 13.98 -29.90
C ARG B 140 1.49 15.09 -29.99
N ASP B 141 2.73 14.71 -30.29
CA ASP B 141 3.87 15.64 -30.40
C ASP B 141 3.63 16.64 -31.52
N GLU B 142 3.27 16.10 -32.70
CA GLU B 142 2.78 16.87 -33.85
C GLU B 142 1.64 17.81 -33.49
N PHE B 143 0.60 17.30 -32.83
CA PHE B 143 -0.52 18.17 -32.41
C PHE B 143 -0.08 19.31 -31.49
N GLU B 144 0.80 19.01 -30.52
CA GLU B 144 1.24 20.01 -29.56
C GLU B 144 1.84 21.21 -30.28
N VAL B 145 2.76 20.93 -31.20
CA VAL B 145 3.36 21.99 -32.01
C VAL B 145 2.23 22.76 -32.74
N TYR B 146 1.43 21.97 -33.55
CA TYR B 146 0.30 22.61 -34.27
C TYR B 146 -0.53 23.56 -33.39
N ASP B 147 -0.91 23.06 -32.21
CA ASP B 147 -1.74 23.79 -31.23
C ASP B 147 -1.05 25.01 -30.64
N ASN B 148 0.26 24.95 -30.50
CA ASN B 148 1.04 26.12 -30.04
C ASN B 148 1.00 27.30 -31.00
N GLU B 149 0.89 27.00 -32.29
CA GLU B 149 0.88 28.03 -33.30
C GLU B 149 -0.52 28.50 -33.66
N HIS B 150 -1.51 27.62 -33.45
CA HIS B 150 -2.88 27.87 -33.88
C HIS B 150 -3.84 28.04 -32.72
N ARG B 151 -3.40 27.64 -31.52
CA ARG B 151 -4.19 27.75 -30.28
C ARG B 151 -5.60 27.21 -30.44
N VAL B 152 -5.69 25.97 -30.89
CA VAL B 152 -6.96 25.29 -31.12
C VAL B 152 -7.71 25.03 -29.79
N ARG B 153 -7.00 24.56 -28.78
CA ARG B 153 -7.61 24.25 -27.47
C ARG B 153 -8.20 25.53 -26.85
N ALA B 154 -7.49 26.63 -26.98
CA ALA B 154 -7.89 27.94 -26.47
C ALA B 154 -9.16 28.45 -27.13
N SER B 155 -9.24 28.36 -28.47
CA SER B 155 -10.45 28.75 -29.20
C SER B 155 -11.64 27.90 -28.76
N LEU B 156 -11.43 26.60 -28.64
CA LEU B 156 -12.48 25.67 -28.23
C LEU B 156 -13.03 26.07 -26.86
N ILE B 157 -12.11 26.27 -25.91
CA ILE B 157 -12.44 26.70 -24.56
C ILE B 157 -13.20 28.04 -24.62
N ALA B 158 -12.68 29.01 -25.40
CA ALA B 158 -13.35 30.29 -25.55
C ALA B 158 -14.79 30.15 -26.07
N GLU B 159 -15.01 29.30 -27.07
CA GLU B 159 -16.35 29.00 -27.62
C GLU B 159 -17.29 28.33 -26.58
N LEU B 160 -16.77 27.36 -25.85
CA LEU B 160 -17.54 26.69 -24.79
C LEU B 160 -17.95 27.65 -23.65
N GLU B 161 -17.02 28.53 -23.27
CA GLU B 161 -17.27 29.55 -22.25
C GLU B 161 -18.43 30.48 -22.64
N ASN B 162 -18.54 30.78 -23.94
CA ASN B 162 -19.64 31.60 -24.50
C ASN B 162 -20.97 30.86 -24.53
N SER B 163 -20.94 29.59 -24.89
CA SER B 163 -22.17 28.77 -25.02
C SER B 163 -22.76 28.45 -23.67
N PHE B 164 -21.88 28.30 -22.67
CA PHE B 164 -22.30 27.85 -21.36
C PHE B 164 -21.83 28.65 -20.14
N PRO B 165 -22.01 29.98 -20.12
CA PRO B 165 -21.55 30.68 -18.90
C PRO B 165 -22.27 30.31 -17.59
N ASP B 166 -23.54 29.97 -17.67
CA ASP B 166 -24.34 29.59 -16.51
C ASP B 166 -24.00 28.21 -15.94
N PHE B 167 -23.14 27.48 -16.67
CA PHE B 167 -22.67 26.16 -16.25
C PHE B 167 -21.68 26.17 -15.09
N GLY B 168 -20.95 27.27 -14.91
CA GLY B 168 -19.94 27.39 -13.85
C GLY B 168 -18.83 26.36 -13.94
N LEU B 169 -18.36 26.09 -15.16
CA LEU B 169 -17.30 25.13 -15.36
C LEU B 169 -15.93 25.81 -15.43
N LYS B 170 -14.90 25.10 -14.99
CA LYS B 170 -13.53 25.52 -15.21
C LYS B 170 -12.94 24.73 -16.35
N TYR B 171 -12.04 25.37 -17.10
CA TYR B 171 -11.44 24.72 -18.25
C TYR B 171 -9.93 24.76 -18.11
N SER B 172 -9.30 23.60 -18.20
CA SER B 172 -7.94 23.54 -17.78
C SER B 172 -7.12 22.80 -18.79
N ILE B 173 -6.35 23.55 -19.58
CA ILE B 173 -5.40 22.94 -20.50
C ILE B 173 -4.35 22.20 -19.69
N GLY B 174 -3.97 21.02 -20.18
CA GLY B 174 -2.97 20.17 -19.55
C GLY B 174 -2.39 19.27 -20.62
N GLY B 175 -1.11 18.94 -20.49
CA GLY B 175 -0.47 18.00 -21.40
C GLY B 175 -0.47 18.43 -22.86
N GLN B 176 -0.39 17.45 -23.77
CA GLN B 176 -0.12 17.76 -25.16
C GLN B 176 -1.36 18.05 -26.02
N ILE B 177 -2.49 17.44 -25.68
CA ILE B 177 -3.56 17.28 -26.68
C ILE B 177 -4.97 17.63 -26.18
N SER B 178 -5.08 18.06 -24.94
CA SER B 178 -6.41 18.14 -24.31
C SER B 178 -6.56 19.28 -23.28
N PHE B 179 -7.79 19.45 -22.82
CA PHE B 179 -8.07 20.25 -21.66
C PHE B 179 -9.13 19.55 -20.81
N ASP B 180 -9.07 19.77 -19.50
CA ASP B 180 -10.04 19.20 -18.56
C ASP B 180 -11.17 20.19 -18.33
N VAL B 181 -12.36 19.64 -18.07
CA VAL B 181 -13.53 20.45 -17.77
C VAL B 181 -14.20 19.91 -16.47
N PHE B 182 -14.43 20.80 -15.52
CA PHE B 182 -15.01 20.40 -14.25
C PHE B 182 -15.60 21.63 -13.55
N PRO B 183 -16.53 21.38 -12.59
CA PRO B 183 -17.16 22.45 -11.83
C PRO B 183 -16.15 23.24 -11.00
N VAL B 184 -16.46 24.50 -10.75
CA VAL B 184 -15.66 25.32 -9.87
C VAL B 184 -15.51 24.57 -8.54
N GLY B 185 -14.29 24.54 -8.02
CA GLY B 185 -13.94 23.82 -6.78
C GLY B 185 -13.53 22.36 -6.89
N TRP B 186 -13.61 21.82 -8.10
CA TRP B 186 -13.12 20.46 -8.36
C TRP B 186 -11.73 20.51 -9.03
N ASP B 187 -11.03 21.62 -8.82
CA ASP B 187 -9.59 21.76 -9.19
C ASP B 187 -8.75 20.87 -8.28
N LYS B 188 -7.42 20.91 -8.41
CA LYS B 188 -6.58 20.07 -7.55
C LYS B 188 -6.76 20.25 -6.03
N THR B 189 -7.23 21.40 -5.56
CA THR B 189 -7.51 21.53 -4.10
C THR B 189 -8.55 20.51 -3.61
N TYR B 190 -9.31 19.95 -4.54
CA TYR B 190 -10.33 18.94 -4.15
C TYR B 190 -9.72 17.73 -3.34
N CYS B 191 -8.48 17.35 -3.64
CA CYS B 191 -7.86 16.20 -2.91
C CYS B 191 -7.54 16.52 -1.44
N LEU B 192 -7.48 17.80 -1.09
CA LEU B 192 -7.00 18.21 0.23
C LEU B 192 -7.95 17.72 1.34
N GLN B 193 -9.22 17.61 1.01
CA GLN B 193 -10.20 17.17 1.98
C GLN B 193 -9.88 15.79 2.57
N PHE B 194 -9.16 14.96 1.80
CA PHE B 194 -8.90 13.56 2.21
C PHE B 194 -7.65 13.42 3.05
N VAL B 195 -6.84 14.49 3.08
CA VAL B 195 -5.59 14.46 3.82
C VAL B 195 -5.46 15.53 4.92
N GLU B 196 -6.31 16.57 4.88
CA GLU B 196 -6.14 17.76 5.74
C GLU B 196 -6.07 17.46 7.24
N ASP B 197 -6.81 16.45 7.68
CA ASP B 197 -6.89 16.08 9.09
C ASP B 197 -5.79 15.15 9.61
N ASP B 198 -4.92 14.70 8.73
CA ASP B 198 -4.05 13.58 9.01
C ASP B 198 -2.58 13.93 8.94
N PHE B 199 -2.28 15.19 8.59
CA PHE B 199 -0.91 15.65 8.47
C PHE B 199 -0.72 16.98 9.15
N GLU B 200 0.48 17.17 9.71
CA GLU B 200 0.86 18.44 10.32
C GLU B 200 1.36 19.42 9.23
N GLU B 201 2.00 18.90 8.20
CA GLU B 201 2.47 19.69 7.05
C GLU B 201 2.13 18.94 5.79
N ILE B 202 1.64 19.66 4.78
CA ILE B 202 1.40 19.07 3.45
C ILE B 202 2.16 19.95 2.47
N HIS B 203 3.12 19.34 1.79
CA HIS B 203 3.97 20.08 0.85
C HIS B 203 3.46 19.77 -0.51
N PHE B 204 3.20 20.80 -1.31
CA PHE B 204 2.76 20.59 -2.68
C PHE B 204 3.88 20.98 -3.64
N PHE B 205 4.13 20.15 -4.66
CA PHE B 205 5.14 20.41 -5.68
C PHE B 205 4.49 20.48 -7.06
N GLY B 206 4.65 21.61 -7.76
CA GLY B 206 3.99 21.70 -9.07
C GLY B 206 4.60 22.79 -9.90
N ASP B 207 4.25 22.83 -11.18
CA ASP B 207 4.92 23.80 -12.07
C ASP B 207 4.03 24.93 -12.57
N LYS B 208 2.73 24.69 -12.60
CA LYS B 208 1.76 25.63 -13.19
C LYS B 208 1.01 26.37 -12.09
N THR B 209 1.78 27.18 -11.36
CA THR B 209 1.37 27.66 -10.03
C THR B 209 0.81 29.10 -10.05
N GLN B 210 0.66 29.71 -11.23
CA GLN B 210 0.14 31.09 -11.32
C GLN B 210 -1.32 31.07 -11.84
N GLU B 211 -2.10 32.14 -11.70
CA GLU B 211 -3.54 32.03 -12.05
C GLU B 211 -3.75 31.62 -13.52
N GLY B 212 -4.77 30.80 -13.76
CA GLY B 212 -4.90 30.14 -15.06
C GLY B 212 -4.10 28.82 -15.16
N GLY B 213 -3.19 28.61 -14.20
CA GLY B 213 -2.42 27.37 -14.14
C GLY B 213 -3.16 26.30 -13.36
N ASN B 214 -3.04 25.05 -13.80
CA ASN B 214 -3.78 23.99 -13.09
C ASN B 214 -3.20 23.61 -11.71
N ASP B 215 -2.08 24.22 -11.32
CA ASP B 215 -1.49 24.03 -9.94
C ASP B 215 -1.77 25.24 -9.06
N TYR B 216 -2.50 26.22 -9.61
CA TYR B 216 -2.63 27.53 -8.97
C TYR B 216 -3.37 27.41 -7.66
N GLU B 217 -4.57 26.81 -7.70
CA GLU B 217 -5.37 26.68 -6.50
C GLU B 217 -4.69 25.88 -5.42
N ILE B 218 -4.08 24.75 -5.77
CA ILE B 218 -3.49 23.89 -4.78
C ILE B 218 -2.23 24.51 -4.18
N TYR B 219 -1.45 25.20 -5.01
CA TYR B 219 -0.26 25.87 -4.53
C TYR B 219 -0.66 26.93 -3.49
N THR B 220 -1.70 27.71 -3.81
CA THR B 220 -2.07 28.86 -3.01
C THR B 220 -3.15 28.51 -1.97
N ASP B 221 -3.46 27.24 -1.81
CA ASP B 221 -4.33 26.85 -0.71
C ASP B 221 -3.51 26.90 0.57
N LYS B 222 -4.05 27.58 1.59
CA LYS B 222 -3.40 27.75 2.89
C LYS B 222 -3.08 26.44 3.61
N ARG B 223 -3.69 25.33 3.15
CA ARG B 223 -3.43 24.00 3.74
C ARG B 223 -2.14 23.38 3.25
N THR B 224 -1.50 24.00 2.26
CA THR B 224 -0.30 23.45 1.66
C THR B 224 0.85 24.44 1.77
N ILE B 225 2.05 23.88 1.91
CA ILE B 225 3.31 24.61 1.72
C ILE B 225 3.72 24.42 0.26
N GLY B 226 3.65 25.48 -0.54
CA GLY B 226 3.78 25.31 -1.99
C GLY B 226 5.23 25.33 -2.43
N HIS B 227 5.58 24.46 -3.38
CA HIS B 227 6.96 24.47 -3.89
C HIS B 227 6.87 24.47 -5.41
N LYS B 228 7.18 25.62 -6.00
CA LYS B 228 7.19 25.76 -7.45
C LYS B 228 8.46 25.10 -7.99
N VAL B 229 8.28 24.12 -8.88
CA VAL B 229 9.41 23.36 -9.47
C VAL B 229 9.37 23.54 -10.97
N THR B 230 10.52 23.43 -11.62
CA THR B 230 10.54 23.56 -13.06
C THR B 230 10.95 22.28 -13.77
N SER B 231 11.43 21.31 -12.99
CA SER B 231 11.87 20.00 -13.51
C SER B 231 11.80 19.00 -12.38
N TYR B 232 11.78 17.72 -12.70
CA TYR B 232 11.80 16.69 -11.64
C TYR B 232 13.12 16.77 -10.82
N LYS B 233 14.18 17.28 -11.44
CA LYS B 233 15.44 17.46 -10.72
C LYS B 233 15.33 18.59 -9.68
N ASP B 234 14.54 19.62 -9.99
CA ASP B 234 14.16 20.66 -8.99
C ASP B 234 13.45 19.96 -7.82
N THR B 235 12.45 19.16 -8.13
CA THR B 235 11.67 18.41 -7.12
C THR B 235 12.57 17.61 -6.19
N ILE B 236 13.50 16.84 -6.78
CA ILE B 236 14.39 16.03 -5.97
C ILE B 236 15.26 16.87 -5.05
N ALA B 237 15.80 17.97 -5.55
CA ALA B 237 16.71 18.77 -4.76
C ALA B 237 15.99 19.36 -3.54
N GLU B 238 14.73 19.77 -3.74
CA GLU B 238 13.92 20.35 -2.67
C GLU B 238 13.49 19.24 -1.68
N VAL B 239 13.16 18.07 -2.21
CA VAL B 239 12.85 16.93 -1.31
C VAL B 239 14.04 16.45 -0.46
N GLU B 240 15.25 16.46 -1.05
CA GLU B 240 16.46 16.20 -0.26
C GLU B 240 16.60 17.15 0.93
N LYS B 241 16.31 18.44 0.71
CA LYS B 241 16.32 19.43 1.78
C LYS B 241 15.34 19.08 2.90
N ILE B 242 14.15 18.66 2.51
CA ILE B 242 13.11 18.36 3.47
C ILE B 242 13.53 17.13 4.27
N ILE B 243 14.04 16.10 3.59
CA ILE B 243 14.51 14.88 4.27
C ILE B 243 15.64 15.19 5.25
N ALA B 244 16.57 16.04 4.83
CA ALA B 244 17.66 16.51 5.67
C ALA B 244 17.16 17.20 6.97
N MET B 245 16.06 17.96 6.86
CA MET B 245 15.46 18.67 8.00
C MET B 245 14.45 17.82 8.78
N LYS B 246 14.48 16.51 8.52
CA LYS B 246 13.74 15.51 9.31
C LYS B 246 13.63 14.18 8.56
#